data_6H46
#
_entry.id   6H46
#
_cell.length_a   79.295
_cell.length_b   79.295
_cell.length_c   130.025
_cell.angle_alpha   90.00
_cell.angle_beta   90.00
_cell.angle_gamma   90.00
#
_symmetry.space_group_name_H-M   'P 43 21 2'
#
loop_
_entity.id
_entity.type
_entity.pdbx_description
1 polymer 'GTPase KRas'
2 polymer 'darpin K13'
3 non-polymer "GUANOSINE-5'-DIPHOSPHATE"
4 non-polymer 'SULFATE ION'
5 water water
#
loop_
_entity_poly.entity_id
_entity_poly.type
_entity_poly.pdbx_seq_one_letter_code
_entity_poly.pdbx_strand_id
1 'polypeptide(L)'
;GSHMTEYKLVVVGAVGVGKSALTIQLIQNHFVDEYDPTIEDSYRKQVVIDGETCLLDILDTAGQEEYSAMRDQYMRTGEG
FLCVFAINNTKSFEDIHHYREQIKRVKDSEDVPMVLVGNKCDLPSRTVDTKQAQDLARSYGIPFIETSAKTRQGVDDAFY
TLVREIRKH
;
A
2 'polypeptide(L)'
;MDLGKKLLEAARAGQDDEVRILMANGADVNASDRWGWTPLHLAAWWGHLEIVEVLLKHGADVNAADLHGQTPLHLAAMVG
HLEIVEVLLKYGADVNAKDTMGATPLHLAAQSGHLEIVEVLLKNGADVNAQDKFGKTAFDISIDNGNEDLAEILQK
;
B
#
# COMPACT_ATOMS: atom_id res chain seq x y z
N SER A 2 16.99 27.16 -18.30
CA SER A 2 16.34 26.96 -19.64
C SER A 2 14.83 27.22 -19.60
N HIS A 3 14.16 26.56 -18.64
CA HIS A 3 12.69 26.56 -18.57
C HIS A 3 12.09 25.16 -18.52
N MET A 4 12.89 24.11 -18.73
CA MET A 4 12.37 22.74 -18.72
C MET A 4 11.85 22.38 -17.32
N THR A 5 10.81 21.55 -17.30
CA THR A 5 10.17 21.14 -16.07
C THR A 5 11.07 20.18 -15.26
N GLU A 6 11.19 20.43 -13.96
CA GLU A 6 11.85 19.50 -13.03
C GLU A 6 10.77 18.71 -12.29
N TYR A 7 10.92 17.38 -12.25
CA TYR A 7 10.01 16.49 -11.52
C TYR A 7 10.77 15.85 -10.36
N LYS A 8 10.27 16.07 -9.13
CA LYS A 8 10.87 15.48 -7.93
C LYS A 8 10.20 14.16 -7.62
N LEU A 9 10.94 13.07 -7.86
CA LEU A 9 10.42 11.72 -7.73
C LEU A 9 10.97 11.08 -6.46
N VAL A 10 10.07 10.66 -5.56
CA VAL A 10 10.46 10.09 -4.27
C VAL A 10 10.40 8.58 -4.32
N VAL A 11 11.45 7.91 -3.84
CA VAL A 11 11.52 6.46 -3.81
C VAL A 11 11.30 6.04 -2.36
N VAL A 12 10.20 5.32 -2.12
CA VAL A 12 9.86 4.84 -0.78
C VAL A 12 9.72 3.34 -0.85
N GLY A 13 9.72 2.74 0.34
CA GLY A 13 9.67 1.30 0.49
C GLY A 13 10.60 0.88 1.61
N ALA A 14 10.47 -0.38 2.00
CA ALA A 14 11.18 -0.93 3.15
C ALA A 14 12.68 -1.01 2.90
N VAL A 15 13.45 -1.13 3.97
CA VAL A 15 14.91 -1.38 3.89
C VAL A 15 15.17 -2.63 3.04
N GLY A 16 16.12 -2.54 2.12
CA GLY A 16 16.59 -3.69 1.34
C GLY A 16 15.79 -4.15 0.13
N VAL A 17 14.81 -3.36 -0.30
CA VAL A 17 14.04 -3.68 -1.53
C VAL A 17 14.75 -3.29 -2.83
N GLY A 18 15.79 -2.47 -2.72
CA GLY A 18 16.55 -1.99 -3.88
C GLY A 18 16.27 -0.56 -4.31
N LYS A 19 15.90 0.29 -3.37
CA LYS A 19 15.67 1.71 -3.68
C LYS A 19 16.92 2.43 -4.20
N SER A 20 18.04 2.29 -3.51
CA SER A 20 19.30 2.91 -3.97
CA SER A 20 19.31 2.89 -3.95
C SER A 20 19.84 2.23 -5.22
N ALA A 21 19.70 0.93 -5.33
CA ALA A 21 20.07 0.22 -6.58
C ALA A 21 19.32 0.76 -7.82
N LEU A 22 18.02 1.05 -7.64
CA LEU A 22 17.20 1.61 -8.72
C LEU A 22 17.65 3.00 -9.08
N THR A 23 17.84 3.84 -8.05
CA THR A 23 18.34 5.21 -8.20
C THR A 23 19.66 5.26 -8.94
N ILE A 24 20.62 4.43 -8.51
CA ILE A 24 21.94 4.39 -9.14
C ILE A 24 21.87 3.84 -10.56
N GLN A 25 21.03 2.84 -10.80
CA GLN A 25 20.89 2.29 -12.16
C GLN A 25 20.31 3.32 -13.14
N LEU A 26 19.35 4.12 -12.67
CA LEU A 26 18.77 5.19 -13.49
C LEU A 26 19.78 6.27 -13.85
N ILE A 27 20.48 6.79 -12.83
CA ILE A 27 21.39 7.92 -13.02
C ILE A 27 22.76 7.51 -13.57
N GLN A 28 23.35 6.47 -12.99
CA GLN A 28 24.73 6.07 -13.30
C GLN A 28 24.84 4.93 -14.29
N ASN A 29 23.72 4.27 -14.60
CA ASN A 29 23.67 3.17 -15.57
C ASN A 29 24.52 1.94 -15.18
N HIS A 30 24.59 1.63 -13.88
CA HIS A 30 25.12 0.34 -13.44
C HIS A 30 24.59 -0.10 -12.07
N PHE A 31 24.84 -1.38 -11.77
CA PHE A 31 24.29 -2.04 -10.60
C PHE A 31 25.23 -1.86 -9.39
N VAL A 32 24.73 -2.16 -8.20
CA VAL A 32 25.48 -2.17 -6.92
C VAL A 32 26.96 -2.58 -7.02
N ASP A 33 27.24 -3.66 -7.76
CA ASP A 33 28.61 -4.19 -7.91
C ASP A 33 29.63 -3.19 -8.44
N GLU A 34 29.18 -2.21 -9.23
CA GLU A 34 30.04 -1.16 -9.77
C GLU A 34 29.82 0.22 -9.15
N TYR A 35 28.86 0.33 -8.24
CA TYR A 35 28.58 1.58 -7.52
C TYR A 35 29.70 1.93 -6.53
N ASP A 36 30.30 3.12 -6.74
CA ASP A 36 31.32 3.70 -5.86
C ASP A 36 30.77 4.99 -5.23
N PRO A 37 30.31 4.92 -3.95
CA PRO A 37 29.97 6.15 -3.20
C PRO A 37 31.21 7.05 -2.94
N THR A 38 30.95 8.34 -2.68
CA THR A 38 31.97 9.42 -2.66
C THR A 38 32.76 9.60 -3.99
N ILE A 39 32.16 9.13 -5.08
CA ILE A 39 32.56 9.46 -6.46
C ILE A 39 31.27 9.81 -7.22
N GLU A 40 30.32 8.88 -7.22
CA GLU A 40 29.06 9.01 -7.96
C GLU A 40 27.96 9.65 -7.10
N ASP A 41 27.87 10.97 -7.22
CA ASP A 41 27.04 11.81 -6.32
C ASP A 41 25.87 12.52 -7.03
N SER A 42 25.64 12.21 -8.31
CA SER A 42 24.57 12.83 -9.08
C SER A 42 23.18 12.30 -8.64
N TYR A 43 22.25 13.22 -8.41
CA TYR A 43 20.86 12.90 -8.06
C TYR A 43 19.84 13.47 -9.08
N ARG A 44 20.32 13.83 -10.26
CA ARG A 44 19.51 14.40 -11.35
C ARG A 44 19.87 13.81 -12.71
N LYS A 45 18.87 13.64 -13.55
CA LYS A 45 19.08 13.18 -14.93
C LYS A 45 18.12 13.86 -15.89
N GLN A 46 18.68 14.47 -16.94
CA GLN A 46 17.88 15.00 -18.04
C GLN A 46 17.42 13.86 -18.94
N VAL A 47 16.12 13.84 -19.26
CA VAL A 47 15.51 12.79 -20.10
C VAL A 47 14.44 13.35 -21.05
N VAL A 48 14.10 12.55 -22.05
CA VAL A 48 13.03 12.83 -22.99
C VAL A 48 11.94 11.80 -22.72
N ILE A 49 10.78 12.26 -22.23
CA ILE A 49 9.62 11.40 -21.97
C ILE A 49 8.50 11.89 -22.86
N ASP A 50 8.04 11.03 -23.78
CA ASP A 50 6.97 11.36 -24.74
C ASP A 50 7.28 12.61 -25.57
N GLY A 51 8.50 12.68 -26.10
CA GLY A 51 8.94 13.81 -26.92
C GLY A 51 9.27 15.10 -26.18
N GLU A 52 9.00 15.16 -24.87
CA GLU A 52 9.17 16.38 -24.10
C GLU A 52 10.33 16.22 -23.13
N THR A 53 11.35 17.05 -23.30
CA THR A 53 12.53 17.01 -22.44
C THR A 53 12.18 17.51 -21.04
N CYS A 54 12.76 16.87 -20.03
CA CYS A 54 12.55 17.25 -18.64
C CYS A 54 13.74 16.82 -17.77
N LEU A 55 13.72 17.28 -16.51
CA LEU A 55 14.76 16.95 -15.53
C LEU A 55 14.15 16.14 -14.41
N LEU A 56 14.71 14.95 -14.15
CA LEU A 56 14.30 14.13 -13.02
C LEU A 56 15.22 14.45 -11.85
N ASP A 57 14.65 14.71 -10.68
CA ASP A 57 15.39 14.90 -9.43
C ASP A 57 14.92 13.80 -8.48
N ILE A 58 15.81 12.86 -8.16
CA ILE A 58 15.45 11.71 -7.34
C ILE A 58 15.64 12.00 -5.86
N LEU A 59 14.60 11.71 -5.07
CA LEU A 59 14.60 11.87 -3.63
C LEU A 59 14.48 10.47 -3.01
N ASP A 60 15.62 9.85 -2.76
CA ASP A 60 15.67 8.47 -2.28
C ASP A 60 15.62 8.47 -0.76
N THR A 61 14.67 7.72 -0.19
CA THR A 61 14.52 7.64 1.27
C THR A 61 15.44 6.61 1.96
N ALA A 62 16.24 5.90 1.16
CA ALA A 62 17.09 4.83 1.66
C ALA A 62 18.03 5.28 2.77
N GLY A 63 17.93 4.59 3.90
CA GLY A 63 18.63 4.95 5.13
C GLY A 63 17.84 5.82 6.08
N GLN A 64 16.73 6.40 5.64
CA GLN A 64 15.88 7.22 6.53
C GLN A 64 14.43 6.71 6.58
N GLU A 65 14.22 5.46 6.15
CA GLU A 65 12.89 4.84 6.07
C GLU A 65 12.06 4.92 7.37
N GLU A 66 12.74 4.75 8.50
CA GLU A 66 12.11 4.77 9.82
C GLU A 66 12.37 6.06 10.62
N TYR A 67 13.12 6.99 10.03
CA TYR A 67 13.26 8.35 10.54
C TYR A 67 12.05 9.17 10.05
N SER A 68 10.98 9.14 10.84
CA SER A 68 9.69 9.73 10.45
C SER A 68 9.80 11.15 9.98
N ALA A 69 10.46 11.99 10.79
CA ALA A 69 10.61 13.39 10.47
C ALA A 69 11.20 13.62 9.08
N MET A 70 12.32 12.94 8.78
CA MET A 70 13.02 13.15 7.51
C MET A 70 12.33 12.48 6.33
N ARG A 71 11.75 11.31 6.56
CA ARG A 71 10.89 10.64 5.58
C ARG A 71 9.68 11.52 5.19
N ASP A 72 8.98 12.09 6.16
CA ASP A 72 7.83 12.95 5.84
C ASP A 72 8.25 14.21 5.10
N GLN A 73 9.41 14.78 5.47
CA GLN A 73 9.97 15.91 4.74
C GLN A 73 10.31 15.56 3.30
N TYR A 74 10.84 14.38 3.06
CA TYR A 74 11.08 13.91 1.69
C TYR A 74 9.76 13.87 0.91
N MET A 75 8.72 13.32 1.55
CA MET A 75 7.41 13.18 0.92
C MET A 75 6.78 14.53 0.61
N ARG A 76 6.76 15.42 1.59
CA ARG A 76 6.19 16.75 1.42
C ARG A 76 6.88 17.51 0.27
N THR A 77 8.19 17.33 0.13
CA THR A 77 8.97 17.96 -0.94
C THR A 77 8.67 17.37 -2.32
N GLY A 78 8.41 16.07 -2.38
CA GLY A 78 8.20 15.38 -3.65
C GLY A 78 6.83 15.57 -4.29
N GLU A 79 6.76 15.27 -5.60
CA GLU A 79 5.53 15.36 -6.40
C GLU A 79 4.94 13.98 -6.79
N GLY A 80 5.80 12.98 -6.94
CA GLY A 80 5.38 11.61 -7.28
C GLY A 80 6.20 10.58 -6.53
N PHE A 81 5.64 9.38 -6.38
CA PHE A 81 6.22 8.36 -5.52
C PHE A 81 6.34 7.00 -6.21
N LEU A 82 7.54 6.44 -6.22
CA LEU A 82 7.74 5.02 -6.53
C LEU A 82 7.58 4.26 -5.22
N CYS A 83 6.56 3.43 -5.11
CA CYS A 83 6.37 2.56 -3.96
C CYS A 83 6.97 1.19 -4.30
N VAL A 84 8.18 0.95 -3.79
CA VAL A 84 8.99 -0.22 -4.18
C VAL A 84 8.89 -1.33 -3.14
N PHE A 85 8.58 -2.54 -3.60
CA PHE A 85 8.74 -3.75 -2.82
C PHE A 85 9.65 -4.69 -3.62
N ALA A 86 10.11 -5.75 -2.96
CA ALA A 86 10.86 -6.81 -3.60
C ALA A 86 9.94 -8.01 -3.75
N ILE A 87 9.97 -8.61 -4.94
CA ILE A 87 9.12 -9.74 -5.27
C ILE A 87 9.42 -11.00 -4.46
N ASN A 88 10.56 -11.01 -3.74
CA ASN A 88 10.90 -12.12 -2.85
C ASN A 88 10.80 -11.79 -1.36
N ASN A 89 10.06 -10.73 -1.02
CA ASN A 89 9.87 -10.36 0.37
C ASN A 89 8.41 -9.93 0.63
N THR A 90 7.68 -10.82 1.29
CA THR A 90 6.27 -10.64 1.59
C THR A 90 6.02 -9.46 2.52
N LYS A 91 6.88 -9.30 3.52
CA LYS A 91 6.80 -8.15 4.43
C LYS A 91 6.95 -6.81 3.70
N SER A 92 7.80 -6.75 2.68
CA SER A 92 7.98 -5.50 1.90
C SER A 92 6.72 -5.12 1.09
N PHE A 93 5.97 -6.11 0.64
CA PHE A 93 4.70 -5.93 -0.08
C PHE A 93 3.68 -5.35 0.90
N GLU A 94 3.53 -6.00 2.04
CA GLU A 94 2.72 -5.47 3.16
C GLU A 94 3.01 -4.02 3.50
N ASP A 95 4.29 -3.66 3.58
CA ASP A 95 4.69 -2.29 3.93
C ASP A 95 4.28 -1.23 2.91
N ILE A 96 4.04 -1.64 1.66
CA ILE A 96 3.51 -0.74 0.62
C ILE A 96 2.26 -0.03 1.12
N HIS A 97 1.36 -0.78 1.74
CA HIS A 97 0.13 -0.22 2.23
C HIS A 97 0.40 0.90 3.24
N HIS A 98 1.37 0.69 4.13
CA HIS A 98 1.72 1.71 5.12
C HIS A 98 2.28 2.99 4.47
N TYR A 99 3.15 2.83 3.49
CA TYR A 99 3.75 3.98 2.82
C TYR A 99 2.72 4.75 2.00
N ARG A 100 1.85 4.04 1.28
CA ARG A 100 0.79 4.69 0.51
C ARG A 100 -0.12 5.53 1.43
N GLU A 101 -0.55 4.96 2.54
CA GLU A 101 -1.36 5.71 3.49
C GLU A 101 -0.61 6.93 4.04
N GLN A 102 0.68 6.76 4.38
CA GLN A 102 1.46 7.86 4.94
C GLN A 102 1.63 8.98 3.92
N ILE A 103 1.91 8.63 2.66
CA ILE A 103 1.99 9.63 1.58
C ILE A 103 0.69 10.43 1.45
N LYS A 104 -0.45 9.75 1.48
CA LYS A 104 -1.75 10.41 1.42
C LYS A 104 -1.97 11.40 2.58
N ARG A 105 -1.48 11.06 3.77
CA ARG A 105 -1.60 11.95 4.93
C ARG A 105 -0.67 13.15 4.86
N VAL A 106 0.60 12.94 4.51
CA VAL A 106 1.54 14.08 4.46
C VAL A 106 1.23 15.05 3.31
N LYS A 107 0.89 14.51 2.13
CA LYS A 107 0.52 15.32 0.97
C LYS A 107 -0.91 15.87 1.07
N ASP A 108 -1.74 15.22 1.88
CA ASP A 108 -3.12 15.62 2.12
C ASP A 108 -3.96 15.57 0.83
N SER A 109 -4.00 14.39 0.21
CA SER A 109 -4.89 14.09 -0.92
C SER A 109 -5.15 12.58 -1.02
N GLU A 110 -6.36 12.19 -1.46
CA GLU A 110 -6.68 10.77 -1.73
C GLU A 110 -6.08 10.32 -3.07
N ASP A 111 -5.84 11.28 -3.98
CA ASP A 111 -5.25 11.03 -5.30
C ASP A 111 -3.87 11.70 -5.48
N VAL A 112 -2.81 11.00 -5.08
CA VAL A 112 -1.41 11.46 -5.24
C VAL A 112 -0.74 10.60 -6.32
N PRO A 113 0.05 11.20 -7.24
CA PRO A 113 0.70 10.42 -8.31
C PRO A 113 1.67 9.34 -7.79
N MET A 114 1.43 8.09 -8.18
CA MET A 114 2.15 6.94 -7.64
C MET A 114 2.29 5.81 -8.66
N VAL A 115 3.33 5.01 -8.47
CA VAL A 115 3.54 3.76 -9.22
C VAL A 115 3.92 2.65 -8.22
N LEU A 116 3.37 1.46 -8.41
CA LEU A 116 3.76 0.29 -7.63
C LEU A 116 4.86 -0.42 -8.41
N VAL A 117 6.00 -0.63 -7.76
CA VAL A 117 7.19 -1.24 -8.36
C VAL A 117 7.52 -2.54 -7.61
N GLY A 118 7.54 -3.65 -8.35
CA GLY A 118 8.02 -4.92 -7.84
C GLY A 118 9.44 -5.13 -8.32
N ASN A 119 10.42 -4.87 -7.45
CA ASN A 119 11.85 -4.95 -7.83
C ASN A 119 12.42 -6.36 -7.61
N LYS A 120 13.60 -6.59 -8.19
CA LYS A 120 14.32 -7.87 -8.13
C LYS A 120 13.65 -8.97 -8.98
N CYS A 121 13.02 -8.56 -10.10
CA CYS A 121 12.28 -9.48 -10.98
CA CYS A 121 12.27 -9.49 -10.96
C CYS A 121 13.18 -10.36 -11.84
N ASP A 122 14.47 -10.05 -11.87
CA ASP A 122 15.47 -10.97 -12.47
C ASP A 122 15.59 -12.28 -11.69
N LEU A 123 15.18 -12.30 -10.42
CA LEU A 123 15.23 -13.50 -9.58
C LEU A 123 14.06 -14.45 -9.83
N PRO A 124 14.34 -15.77 -9.99
CA PRO A 124 13.25 -16.74 -10.14
C PRO A 124 12.65 -17.13 -8.80
N SER A 125 11.50 -17.79 -8.85
CA SER A 125 10.75 -18.24 -7.66
C SER A 125 10.43 -17.09 -6.71
N ARG A 126 9.71 -16.12 -7.23
CA ARG A 126 9.14 -15.06 -6.44
C ARG A 126 8.11 -15.57 -5.42
N THR A 127 7.99 -14.89 -4.28
CA THR A 127 7.00 -15.22 -3.24
C THR A 127 5.82 -14.24 -3.16
N VAL A 128 5.92 -13.11 -3.87
CA VAL A 128 4.77 -12.25 -4.15
C VAL A 128 4.50 -12.35 -5.65
N ASP A 129 3.46 -13.08 -6.07
CA ASP A 129 3.23 -13.31 -7.52
C ASP A 129 2.70 -12.06 -8.26
N THR A 130 2.83 -12.11 -9.58
CA THR A 130 2.33 -11.07 -10.48
C THR A 130 0.87 -10.70 -10.20
N LYS A 131 0.02 -11.72 -10.08
CA LYS A 131 -1.43 -11.53 -9.95
C LYS A 131 -1.77 -10.74 -8.70
N GLN A 132 -1.16 -11.13 -7.57
CA GLN A 132 -1.39 -10.49 -6.28
C GLN A 132 -0.98 -9.02 -6.29
N ALA A 133 0.17 -8.75 -6.90
CA ALA A 133 0.66 -7.38 -7.06
C ALA A 133 -0.20 -6.56 -8.03
N GLN A 134 -0.57 -7.18 -9.15
CA GLN A 134 -1.52 -6.58 -10.11
C GLN A 134 -2.84 -6.20 -9.45
N ASP A 135 -3.41 -7.12 -8.67
CA ASP A 135 -4.68 -6.86 -7.97
C ASP A 135 -4.55 -5.71 -6.97
N LEU A 136 -3.45 -5.65 -6.23
CA LEU A 136 -3.24 -4.56 -5.28
C LEU A 136 -3.13 -3.21 -5.98
N ALA A 137 -2.37 -3.14 -7.08
CA ALA A 137 -2.25 -1.91 -7.88
C ALA A 137 -3.60 -1.50 -8.44
N ARG A 138 -4.35 -2.49 -8.95
CA ARG A 138 -5.71 -2.25 -9.47
C ARG A 138 -6.65 -1.77 -8.37
N SER A 139 -6.54 -2.35 -7.17
CA SER A 139 -7.27 -1.86 -5.99
C SER A 139 -6.86 -0.43 -5.60
N TYR A 140 -5.58 -0.10 -5.77
CA TYR A 140 -5.08 1.26 -5.55
C TYR A 140 -5.33 2.27 -6.68
N GLY A 141 -5.75 1.80 -7.86
CA GLY A 141 -5.81 2.64 -9.06
C GLY A 141 -4.48 3.26 -9.50
N ILE A 142 -3.39 2.47 -9.43
CA ILE A 142 -2.07 2.92 -9.88
C ILE A 142 -1.42 1.89 -10.79
N PRO A 143 -0.47 2.32 -11.65
CA PRO A 143 0.30 1.34 -12.46
C PRO A 143 1.21 0.42 -11.62
N PHE A 144 1.34 -0.85 -12.05
CA PHE A 144 2.30 -1.80 -11.53
C PHE A 144 3.39 -2.06 -12.56
N ILE A 145 4.65 -1.89 -12.16
CA ILE A 145 5.78 -2.11 -13.06
C ILE A 145 6.80 -3.02 -12.37
N GLU A 146 7.19 -4.09 -13.06
CA GLU A 146 8.24 -4.99 -12.62
C GLU A 146 9.58 -4.42 -13.05
N THR A 147 10.54 -4.37 -12.11
CA THR A 147 11.88 -3.88 -12.38
C THR A 147 12.97 -4.84 -11.86
N SER A 148 14.15 -4.73 -12.49
CA SER A 148 15.36 -5.31 -11.96
C SER A 148 16.40 -4.22 -12.02
N ALA A 149 16.88 -3.77 -10.86
CA ALA A 149 18.00 -2.84 -10.84
C ALA A 149 19.30 -3.47 -11.39
N LYS A 150 19.38 -4.81 -11.37
CA LYS A 150 20.55 -5.55 -11.88
C LYS A 150 20.62 -5.59 -13.41
N THR A 151 19.53 -5.95 -14.07
CA THR A 151 19.51 -6.09 -15.53
C THR A 151 19.04 -4.85 -16.28
N ARG A 152 18.58 -3.84 -15.56
CA ARG A 152 17.90 -2.64 -16.11
C ARG A 152 16.45 -2.84 -16.57
N GLN A 153 15.92 -4.06 -16.50
CA GLN A 153 14.57 -4.34 -16.99
C GLN A 153 13.58 -3.45 -16.25
N GLY A 154 12.81 -2.67 -17.01
CA GLY A 154 11.73 -1.84 -16.48
C GLY A 154 12.12 -0.61 -15.67
N VAL A 155 13.41 -0.29 -15.58
CA VAL A 155 13.86 0.77 -14.69
C VAL A 155 13.43 2.13 -15.21
N ASP A 156 13.72 2.43 -16.48
CA ASP A 156 13.26 3.67 -17.09
C ASP A 156 11.73 3.72 -17.12
N ASP A 157 11.11 2.62 -17.53
CA ASP A 157 9.65 2.48 -17.54
C ASP A 157 9.02 2.92 -16.20
N ALA A 158 9.60 2.46 -15.10
CA ALA A 158 9.09 2.80 -13.75
C ALA A 158 9.13 4.29 -13.46
N PHE A 159 10.28 4.91 -13.71
CA PHE A 159 10.46 6.36 -13.46
C PHE A 159 9.69 7.21 -14.48
N TYR A 160 9.67 6.75 -15.72
CA TYR A 160 8.98 7.49 -16.80
C TYR A 160 7.47 7.42 -16.61
N THR A 161 6.95 6.23 -16.26
CA THR A 161 5.53 6.05 -16.00
C THR A 161 5.06 6.96 -14.87
N LEU A 162 5.89 7.14 -13.84
CA LEU A 162 5.59 8.07 -12.76
C LEU A 162 5.53 9.53 -13.21
N VAL A 163 6.42 9.94 -14.12
CA VAL A 163 6.32 11.27 -14.72
C VAL A 163 5.00 11.41 -15.50
N ARG A 164 4.61 10.37 -16.24
CA ARG A 164 3.34 10.40 -16.97
C ARG A 164 2.12 10.50 -16.04
N GLU A 165 2.20 9.86 -14.88
CA GLU A 165 1.19 10.01 -13.84
C GLU A 165 1.13 11.46 -13.29
N ILE A 166 2.29 12.08 -13.09
CA ILE A 166 2.33 13.49 -12.63
C ILE A 166 1.69 14.41 -13.67
N ARG A 167 2.01 14.18 -14.95
CA ARG A 167 1.54 15.04 -16.05
C ARG A 167 0.00 15.07 -16.24
N LYS A 168 -0.67 13.98 -15.88
CA LYS A 168 -2.12 13.87 -16.09
C LYS A 168 -2.98 14.02 -14.83
N HIS A 169 -2.37 14.17 -13.66
CA HIS A 169 -3.11 14.46 -12.43
C HIS A 169 -3.95 15.74 -12.58
N MET B 1 10.89 -12.33 25.27
CA MET B 1 10.06 -12.13 24.03
C MET B 1 8.56 -12.13 24.39
N ASP B 2 7.92 -11.00 24.12
CA ASP B 2 6.48 -10.82 24.27
C ASP B 2 5.69 -11.91 23.51
N LEU B 3 4.62 -12.42 24.13
CA LEU B 3 3.71 -13.36 23.45
C LEU B 3 2.95 -12.68 22.29
N GLY B 4 2.57 -11.42 22.49
CA GLY B 4 1.95 -10.58 21.46
C GLY B 4 2.77 -10.43 20.20
N LYS B 5 4.08 -10.18 20.35
CA LYS B 5 5.01 -10.16 19.21
C LYS B 5 5.04 -11.50 18.46
N LYS B 6 5.05 -12.61 19.20
CA LYS B 6 4.99 -13.95 18.60
C LYS B 6 3.70 -14.17 17.81
N LEU B 7 2.59 -13.65 18.34
CA LEU B 7 1.29 -13.79 17.69
C LEU B 7 1.22 -13.01 16.36
N LEU B 8 1.77 -11.80 16.34
CA LEU B 8 1.84 -11.00 15.12
C LEU B 8 2.61 -11.76 14.04
N GLU B 9 3.78 -12.29 14.39
CA GLU B 9 4.59 -13.13 13.48
C GLU B 9 3.77 -14.31 12.93
N ALA B 10 3.15 -15.06 13.85
CA ALA B 10 2.35 -16.23 13.50
C ALA B 10 1.16 -15.86 12.61
N ALA B 11 0.46 -14.79 12.95
CA ALA B 11 -0.65 -14.25 12.15
C ALA B 11 -0.24 -13.82 10.74
N ARG B 12 0.91 -13.16 10.59
CA ARG B 12 1.42 -12.81 9.24
C ARG B 12 1.64 -14.08 8.43
N ALA B 13 2.29 -15.07 9.05
CA ALA B 13 2.64 -16.31 8.38
C ALA B 13 1.45 -17.25 8.07
N GLY B 14 0.24 -16.93 8.59
CA GLY B 14 -0.94 -17.80 8.41
C GLY B 14 -0.81 -19.17 9.09
N GLN B 15 -0.11 -19.22 10.21
CA GLN B 15 0.15 -20.49 10.91
C GLN B 15 -1.00 -20.71 11.89
N ASP B 16 -2.02 -21.45 11.43
CA ASP B 16 -3.29 -21.59 12.17
C ASP B 16 -3.06 -22.13 13.60
N ASP B 17 -2.33 -23.24 13.68
CA ASP B 17 -2.12 -23.95 14.95
C ASP B 17 -1.28 -23.14 15.93
N GLU B 18 -0.25 -22.48 15.41
CA GLU B 18 0.64 -21.66 16.25
C GLU B 18 -0.12 -20.47 16.83
N VAL B 19 -1.03 -19.92 16.04
CA VAL B 19 -1.95 -18.88 16.50
C VAL B 19 -2.78 -19.41 17.68
N ARG B 20 -3.41 -20.58 17.54
CA ARG B 20 -4.19 -21.20 18.64
C ARG B 20 -3.37 -21.42 19.92
N ILE B 21 -2.15 -21.92 19.77
CA ILE B 21 -1.29 -22.24 20.89
C ILE B 21 -0.87 -20.98 21.68
N LEU B 22 -0.54 -19.90 20.98
CA LEU B 22 -0.17 -18.63 21.63
C LEU B 22 -1.36 -18.02 22.37
N MET B 23 -2.53 -18.13 21.77
CA MET B 23 -3.78 -17.75 22.42
C MET B 23 -4.08 -18.62 23.64
N ALA B 24 -3.84 -19.94 23.54
CA ALA B 24 -3.98 -20.85 24.69
C ALA B 24 -3.04 -20.50 25.85
N ASN B 25 -1.85 -19.99 25.53
CA ASN B 25 -0.85 -19.59 26.53
C ASN B 25 -1.00 -18.16 27.06
N GLY B 26 -2.03 -17.43 26.63
CA GLY B 26 -2.33 -16.10 27.15
C GLY B 26 -1.76 -14.93 26.36
N ALA B 27 -1.59 -15.09 25.04
CA ALA B 27 -1.11 -14.00 24.19
C ALA B 27 -2.18 -12.92 24.05
N ASP B 28 -1.75 -11.66 24.12
CA ASP B 28 -2.63 -10.52 23.90
C ASP B 28 -3.08 -10.55 22.44
N VAL B 29 -4.38 -10.78 22.25
CA VAL B 29 -4.98 -10.88 20.92
C VAL B 29 -5.02 -9.55 20.19
N ASN B 30 -4.96 -8.46 20.96
CA ASN B 30 -4.97 -7.09 20.44
C ASN B 30 -3.57 -6.44 20.41
N ALA B 31 -2.51 -7.26 20.51
CA ALA B 31 -1.14 -6.75 20.43
C ALA B 31 -0.92 -6.08 19.08
N SER B 32 -0.25 -4.93 19.05
CA SER B 32 -0.03 -4.19 17.79
C SER B 32 1.44 -3.89 17.49
N ASP B 33 1.74 -3.77 16.20
CA ASP B 33 3.10 -3.49 15.71
C ASP B 33 3.32 -1.97 15.64
N ARG B 34 4.46 -1.55 15.11
CA ARG B 34 4.80 -0.12 15.03
C ARG B 34 3.81 0.73 14.20
N TRP B 35 3.04 0.09 13.33
CA TRP B 35 1.97 0.75 12.55
C TRP B 35 0.57 0.71 13.20
N GLY B 36 0.44 0.01 14.33
CA GLY B 36 -0.85 -0.24 14.95
C GLY B 36 -1.62 -1.43 14.36
N TRP B 37 -1.02 -2.19 13.45
CA TRP B 37 -1.65 -3.43 12.95
C TRP B 37 -1.65 -4.50 14.05
N THR B 38 -2.84 -5.05 14.33
CA THR B 38 -3.04 -6.20 15.21
C THR B 38 -2.95 -7.49 14.38
N PRO B 39 -2.96 -8.68 15.04
CA PRO B 39 -3.11 -9.94 14.30
C PRO B 39 -4.30 -9.97 13.34
N LEU B 40 -5.39 -9.31 13.72
CA LEU B 40 -6.60 -9.23 12.89
C LEU B 40 -6.40 -8.40 11.62
N HIS B 41 -5.69 -7.27 11.72
CA HIS B 41 -5.33 -6.47 10.54
C HIS B 41 -4.52 -7.34 9.55
N LEU B 42 -3.51 -8.03 10.07
CA LEU B 42 -2.62 -8.87 9.26
C LEU B 42 -3.42 -9.96 8.57
N ALA B 43 -4.24 -10.66 9.34
CA ALA B 43 -5.02 -11.78 8.81
C ALA B 43 -6.00 -11.29 7.76
N ALA B 44 -6.60 -10.12 7.99
CA ALA B 44 -7.48 -9.50 7.04
C ALA B 44 -6.77 -9.06 5.75
N TRP B 45 -5.60 -8.44 5.86
CA TRP B 45 -4.89 -7.95 4.66
C TRP B 45 -4.38 -9.13 3.80
N TRP B 46 -3.80 -10.13 4.47
CA TRP B 46 -3.29 -11.32 3.79
C TRP B 46 -4.35 -12.36 3.40
N GLY B 47 -5.60 -12.16 3.83
CA GLY B 47 -6.67 -13.08 3.46
C GLY B 47 -6.65 -14.41 4.21
N HIS B 48 -6.17 -14.43 5.46
CA HIS B 48 -6.10 -15.67 6.26
C HIS B 48 -7.43 -15.82 7.04
N LEU B 49 -8.41 -16.47 6.42
CA LEU B 49 -9.78 -16.50 6.94
C LEU B 49 -9.93 -17.18 8.31
N GLU B 50 -9.41 -18.39 8.42
CA GLU B 50 -9.54 -19.17 9.64
C GLU B 50 -8.91 -18.45 10.84
N ILE B 51 -7.80 -17.76 10.62
CA ILE B 51 -7.18 -16.95 11.69
C ILE B 51 -8.08 -15.76 12.10
N VAL B 52 -8.74 -15.13 11.13
CA VAL B 52 -9.74 -14.09 11.45
C VAL B 52 -10.81 -14.68 12.37
N GLU B 53 -11.33 -15.84 11.98
CA GLU B 53 -12.38 -16.51 12.75
C GLU B 53 -11.96 -16.83 14.19
N VAL B 54 -10.80 -17.47 14.37
CA VAL B 54 -10.37 -17.84 15.73
C VAL B 54 -9.98 -16.64 16.58
N LEU B 55 -9.36 -15.62 15.97
CA LEU B 55 -9.10 -14.37 16.70
C LEU B 55 -10.40 -13.77 17.24
N LEU B 56 -11.42 -13.65 16.38
CA LEU B 56 -12.71 -13.08 16.79
C LEU B 56 -13.45 -13.92 17.82
N LYS B 57 -13.41 -15.24 17.64
CA LYS B 57 -13.99 -16.18 18.59
C LYS B 57 -13.39 -16.05 19.99
N HIS B 58 -12.08 -15.75 20.05
CA HIS B 58 -11.36 -15.64 21.32
C HIS B 58 -11.15 -14.17 21.75
N GLY B 59 -12.08 -13.29 21.38
CA GLY B 59 -12.17 -11.93 21.94
C GLY B 59 -11.31 -10.82 21.35
N ALA B 60 -10.85 -10.98 20.10
CA ALA B 60 -10.12 -9.90 19.42
C ALA B 60 -11.04 -8.69 19.18
N ASP B 61 -10.48 -7.49 19.34
CA ASP B 61 -11.22 -6.24 19.14
C ASP B 61 -11.43 -6.07 17.64
N VAL B 62 -12.66 -6.36 17.18
CA VAL B 62 -13.03 -6.28 15.75
C VAL B 62 -12.85 -4.87 15.13
N ASN B 63 -12.97 -3.83 15.96
CA ASN B 63 -12.81 -2.45 15.52
C ASN B 63 -11.48 -1.80 15.92
N ALA B 64 -10.41 -2.60 16.11
CA ALA B 64 -9.12 -2.03 16.46
C ALA B 64 -8.64 -1.13 15.33
N ALA B 65 -8.21 0.08 15.68
CA ALA B 65 -7.78 1.05 14.68
C ALA B 65 -6.27 1.23 14.76
N ASP B 66 -5.63 1.24 13.59
CA ASP B 66 -4.19 1.41 13.49
C ASP B 66 -3.85 2.91 13.53
N LEU B 67 -2.58 3.26 13.35
CA LEU B 67 -2.14 4.65 13.43
C LEU B 67 -2.59 5.52 12.26
N HIS B 68 -3.05 4.90 11.18
CA HIS B 68 -3.74 5.59 10.10
C HIS B 68 -5.27 5.56 10.27
N GLY B 69 -5.75 5.10 11.43
CA GLY B 69 -7.18 5.02 11.72
C GLY B 69 -7.92 3.91 11.00
N GLN B 70 -7.20 2.95 10.41
CA GLN B 70 -7.82 1.87 9.65
C GLN B 70 -8.05 0.64 10.52
N THR B 71 -9.21 0.02 10.32
CA THR B 71 -9.66 -1.17 11.02
C THR B 71 -9.45 -2.35 10.09
N PRO B 72 -9.55 -3.58 10.61
CA PRO B 72 -9.46 -4.76 9.73
C PRO B 72 -10.46 -4.80 8.56
N LEU B 73 -11.68 -4.28 8.77
CA LEU B 73 -12.69 -4.18 7.71
C LEU B 73 -12.25 -3.23 6.59
N HIS B 74 -11.64 -2.08 6.92
CA HIS B 74 -11.04 -1.21 5.89
C HIS B 74 -10.12 -2.04 4.98
N LEU B 75 -9.26 -2.85 5.60
CA LEU B 75 -8.24 -3.61 4.88
C LEU B 75 -8.85 -4.70 4.01
N ALA B 76 -9.73 -5.51 4.61
CA ALA B 76 -10.39 -6.58 3.90
C ALA B 76 -11.22 -6.08 2.72
N ALA B 77 -11.91 -4.95 2.93
CA ALA B 77 -12.73 -4.31 1.89
C ALA B 77 -11.93 -3.70 0.71
N MET B 78 -10.80 -3.08 1.02
CA MET B 78 -9.94 -2.54 -0.03
C MET B 78 -9.27 -3.62 -0.88
N VAL B 79 -8.74 -4.65 -0.21
CA VAL B 79 -7.99 -5.72 -0.87
C VAL B 79 -8.91 -6.69 -1.59
N GLY B 80 -10.15 -6.80 -1.10
CA GLY B 80 -11.17 -7.63 -1.75
C GLY B 80 -11.38 -9.02 -1.15
N HIS B 81 -11.24 -9.16 0.17
CA HIS B 81 -11.49 -10.45 0.82
C HIS B 81 -12.91 -10.52 1.38
N LEU B 82 -13.84 -10.96 0.53
CA LEU B 82 -15.28 -10.96 0.85
C LEU B 82 -15.67 -11.74 2.10
N GLU B 83 -15.18 -12.96 2.21
CA GLU B 83 -15.57 -13.82 3.32
C GLU B 83 -15.10 -13.27 4.67
N ILE B 84 -13.92 -12.66 4.69
CA ILE B 84 -13.42 -11.95 5.87
C ILE B 84 -14.28 -10.70 6.19
N VAL B 85 -14.71 -9.97 5.15
CA VAL B 85 -15.65 -8.84 5.31
C VAL B 85 -16.91 -9.32 6.00
N GLU B 86 -17.46 -10.43 5.53
CA GLU B 86 -18.70 -10.98 6.07
C GLU B 86 -18.59 -11.36 7.54
N VAL B 87 -17.48 -12.03 7.89
N VAL B 87 -17.49 -12.02 7.93
CA VAL B 87 -17.20 -12.46 9.25
CA VAL B 87 -17.32 -12.44 9.33
C VAL B 87 -16.99 -11.27 10.20
C VAL B 87 -16.97 -11.27 10.25
N LEU B 88 -16.22 -10.28 9.76
CA LEU B 88 -15.99 -9.07 10.58
C LEU B 88 -17.31 -8.36 10.89
N LEU B 89 -18.17 -8.25 9.88
CA LEU B 89 -19.50 -7.62 10.08
C LEU B 89 -20.39 -8.38 11.06
N LYS B 90 -20.31 -9.70 10.99
CA LYS B 90 -21.02 -10.61 11.89
C LYS B 90 -20.65 -10.43 13.38
N TYR B 91 -19.42 -9.99 13.64
CA TYR B 91 -18.95 -9.65 14.99
C TYR B 91 -19.11 -8.15 15.33
N GLY B 92 -19.89 -7.42 14.54
CA GLY B 92 -20.24 -6.03 14.85
C GLY B 92 -19.20 -5.03 14.42
N ALA B 93 -18.44 -5.33 13.37
CA ALA B 93 -17.51 -4.35 12.81
C ALA B 93 -18.30 -3.08 12.47
N ASP B 94 -17.71 -1.92 12.77
CA ASP B 94 -18.30 -0.65 12.42
C ASP B 94 -18.13 -0.51 10.92
N VAL B 95 -19.25 -0.62 10.22
CA VAL B 95 -19.26 -0.61 8.77
C VAL B 95 -18.89 0.76 8.20
N ASN B 96 -19.03 1.81 9.02
CA ASN B 96 -18.73 3.21 8.65
C ASN B 96 -17.61 3.88 9.45
N ALA B 97 -16.69 3.08 9.99
CA ALA B 97 -15.49 3.59 10.69
C ALA B 97 -14.67 4.46 9.76
N LYS B 98 -14.32 5.66 10.22
CA LYS B 98 -13.55 6.60 9.43
C LYS B 98 -12.08 6.53 9.82
N ASP B 99 -11.21 6.41 8.82
CA ASP B 99 -9.76 6.53 9.04
C ASP B 99 -9.38 8.01 9.15
N THR B 100 -8.09 8.33 9.29
CA THR B 100 -7.67 9.73 9.49
C THR B 100 -7.73 10.61 8.23
N MET B 101 -8.10 10.05 7.07
CA MET B 101 -8.53 10.83 5.90
C MET B 101 -10.05 10.96 5.78
N GLY B 102 -10.81 10.42 6.73
CA GLY B 102 -12.29 10.38 6.65
C GLY B 102 -12.88 9.25 5.83
N ALA B 103 -12.05 8.31 5.39
CA ALA B 103 -12.48 7.23 4.51
C ALA B 103 -13.08 6.11 5.31
N THR B 104 -14.23 5.62 4.85
CA THR B 104 -14.93 4.47 5.40
C THR B 104 -14.59 3.22 4.57
N PRO B 105 -14.95 2.03 5.07
CA PRO B 105 -14.74 0.82 4.24
C PRO B 105 -15.43 0.89 2.89
N LEU B 106 -16.60 1.52 2.83
CA LEU B 106 -17.33 1.73 1.59
C LEU B 106 -16.53 2.61 0.59
N HIS B 107 -15.90 3.69 1.07
CA HIS B 107 -15.02 4.51 0.21
C HIS B 107 -13.96 3.62 -0.43
N LEU B 108 -13.29 2.83 0.41
CA LEU B 108 -12.17 2.01 -0.05
C LEU B 108 -12.64 0.91 -1.01
N ALA B 109 -13.72 0.20 -0.66
CA ALA B 109 -14.31 -0.79 -1.57
C ALA B 109 -14.74 -0.17 -2.91
N ALA B 110 -15.34 1.03 -2.85
CA ALA B 110 -15.77 1.73 -4.05
C ALA B 110 -14.57 2.08 -4.92
N GLN B 111 -13.54 2.65 -4.29
CA GLN B 111 -12.31 2.99 -5.01
C GLN B 111 -11.68 1.75 -5.65
N SER B 112 -11.68 0.64 -4.94
CA SER B 112 -11.12 -0.62 -5.46
C SER B 112 -11.97 -1.34 -6.50
N GLY B 113 -13.24 -0.97 -6.63
CA GLY B 113 -14.12 -1.61 -7.61
C GLY B 113 -14.57 -3.03 -7.24
N HIS B 114 -14.58 -3.33 -5.94
CA HIS B 114 -15.08 -4.63 -5.45
C HIS B 114 -16.59 -4.50 -5.20
N LEU B 115 -17.37 -4.86 -6.24
CA LEU B 115 -18.78 -4.56 -6.28
C LEU B 115 -19.58 -5.42 -5.31
N GLU B 116 -19.23 -6.70 -5.18
CA GLU B 116 -19.96 -7.55 -4.23
C GLU B 116 -19.66 -7.12 -2.79
N ILE B 117 -18.41 -6.74 -2.50
CA ILE B 117 -18.09 -6.18 -1.19
C ILE B 117 -18.88 -4.89 -0.91
N VAL B 118 -19.01 -4.01 -1.90
CA VAL B 118 -19.83 -2.81 -1.76
C VAL B 118 -21.28 -3.19 -1.42
N GLU B 119 -21.84 -4.15 -2.13
CA GLU B 119 -23.22 -4.59 -1.89
C GLU B 119 -23.38 -5.20 -0.50
N VAL B 120 -22.43 -6.03 -0.07
CA VAL B 120 -22.45 -6.59 1.29
C VAL B 120 -22.33 -5.49 2.37
N LEU B 121 -21.49 -4.49 2.11
CA LEU B 121 -21.37 -3.37 3.05
C LEU B 121 -22.70 -2.59 3.15
N LEU B 122 -23.36 -2.33 2.02
CA LEU B 122 -24.67 -1.64 2.02
C LEU B 122 -25.78 -2.42 2.75
N LYS B 123 -25.83 -3.73 2.49
CA LYS B 123 -26.76 -4.65 3.19
C LYS B 123 -26.61 -4.62 4.72
N ASN B 124 -25.40 -4.31 5.18
CA ASN B 124 -25.04 -4.25 6.60
C ASN B 124 -24.95 -2.82 7.16
N GLY B 125 -25.59 -1.86 6.50
CA GLY B 125 -25.78 -0.49 7.02
C GLY B 125 -24.76 0.58 6.64
N ALA B 126 -23.97 0.33 5.60
CA ALA B 126 -22.98 1.33 5.15
C ALA B 126 -23.72 2.56 4.63
N ASP B 127 -23.18 3.73 4.91
CA ASP B 127 -23.84 5.01 4.57
C ASP B 127 -23.17 5.59 3.33
N VAL B 128 -23.93 5.63 2.24
CA VAL B 128 -23.45 6.24 1.00
C VAL B 128 -23.22 7.76 1.19
N ASN B 129 -23.95 8.37 2.13
CA ASN B 129 -23.83 9.81 2.44
C ASN B 129 -22.58 10.17 3.27
N ALA B 130 -21.79 9.18 3.71
CA ALA B 130 -20.59 9.47 4.52
C ALA B 130 -19.52 10.19 3.69
N GLN B 131 -19.08 11.35 4.18
CA GLN B 131 -18.09 12.18 3.49
C GLN B 131 -16.70 12.01 4.10
N ASP B 132 -15.68 11.87 3.24
CA ASP B 132 -14.30 11.87 3.70
C ASP B 132 -13.84 13.30 4.03
N LYS B 133 -12.57 13.46 4.40
CA LYS B 133 -11.98 14.76 4.75
C LYS B 133 -12.20 15.86 3.68
N PHE B 134 -12.23 15.46 2.41
CA PHE B 134 -12.40 16.36 1.27
C PHE B 134 -13.84 16.57 0.81
N GLY B 135 -14.81 16.08 1.58
CA GLY B 135 -16.24 16.22 1.24
C GLY B 135 -16.77 15.26 0.18
N LYS B 136 -16.04 14.19 -0.11
CA LYS B 136 -16.44 13.20 -1.13
C LYS B 136 -17.08 11.97 -0.50
N THR B 137 -18.17 11.50 -1.13
CA THR B 137 -18.84 10.25 -0.78
C THR B 137 -18.36 9.13 -1.69
N ALA B 138 -18.71 7.90 -1.34
CA ALA B 138 -18.45 6.75 -2.20
C ALA B 138 -19.12 6.91 -3.54
N PHE B 139 -20.27 7.57 -3.56
CA PHE B 139 -20.94 7.88 -4.82
C PHE B 139 -20.08 8.80 -5.70
N ASP B 140 -19.50 9.85 -5.11
CA ASP B 140 -18.61 10.77 -5.85
C ASP B 140 -17.39 10.03 -6.45
N ILE B 141 -16.85 9.05 -5.73
CA ILE B 141 -15.73 8.22 -6.20
C ILE B 141 -16.13 7.43 -7.46
N SER B 142 -17.32 6.83 -7.42
CA SER B 142 -17.87 6.09 -8.55
C SER B 142 -18.11 6.99 -9.76
N ILE B 143 -18.55 8.22 -9.53
CA ILE B 143 -18.73 9.18 -10.64
C ILE B 143 -17.36 9.60 -11.21
N ASP B 144 -16.42 9.95 -10.33
CA ASP B 144 -15.06 10.35 -10.78
C ASP B 144 -14.36 9.23 -11.55
N ASN B 145 -14.46 7.99 -11.05
CA ASN B 145 -13.83 6.83 -11.70
C ASN B 145 -14.55 6.32 -12.96
N GLY B 146 -15.75 6.82 -13.25
CA GLY B 146 -16.55 6.36 -14.39
C GLY B 146 -17.06 4.91 -14.26
N ASN B 147 -17.26 4.46 -13.02
CA ASN B 147 -17.72 3.09 -12.76
C ASN B 147 -19.25 3.07 -12.59
N GLU B 148 -19.94 2.83 -13.71
CA GLU B 148 -21.41 2.94 -13.82
C GLU B 148 -22.16 1.89 -13.01
N ASP B 149 -21.72 0.64 -13.07
CA ASP B 149 -22.36 -0.41 -12.27
C ASP B 149 -22.22 -0.14 -10.79
N LEU B 150 -21.05 0.36 -10.37
CA LEU B 150 -20.85 0.80 -8.98
C LEU B 150 -21.80 1.94 -8.59
N ALA B 151 -21.87 2.96 -9.44
CA ALA B 151 -22.75 4.11 -9.23
C ALA B 151 -24.21 3.66 -9.03
N GLU B 152 -24.68 2.81 -9.93
CA GLU B 152 -26.00 2.19 -9.83
C GLU B 152 -26.21 1.43 -8.51
N ILE B 153 -25.24 0.64 -8.09
CA ILE B 153 -25.33 -0.10 -6.81
C ILE B 153 -25.50 0.86 -5.62
N LEU B 154 -24.71 1.94 -5.61
CA LEU B 154 -24.74 2.92 -4.53
C LEU B 154 -26.01 3.77 -4.51
N GLN B 155 -26.49 4.16 -5.70
CA GLN B 155 -27.78 4.86 -5.85
C GLN B 155 -28.98 3.96 -5.46
N LYS B 156 -28.86 2.65 -5.72
CA LYS B 156 -29.91 1.64 -5.45
C LYS B 156 -31.11 1.81 -6.36
#